data_4ENJ
#
_entry.id   4ENJ
#
_cell.length_a   59.774
_cell.length_b   59.774
_cell.length_c   232.724
_cell.angle_alpha   90.00
_cell.angle_beta   90.00
_cell.angle_gamma   120.00
#
_symmetry.space_group_name_H-M   'P 61 2 2'
#
loop_
_entity.id
_entity.type
_entity.pdbx_description
1 polymer 'Alkyltransferase-like protein 1'
2 polymer "DNA (5'-D(*GP*CP*CP*AP*TP*GP*(EHG)P*CP*TP*AP*GP*TP*A)-3')"
3 polymer "DNA (5'-D(*CP*TP*AP*CP*TP*AP*GP*CP*CP*AP*TP*GP*G)-3')"
4 water water
#
loop_
_entity_poly.entity_id
_entity_poly.type
_entity_poly.pdbx_seq_one_letter_code
_entity_poly.pdbx_strand_id
1 'polypeptide(L)'
;MRMDEFYTKVYDAVCEIPYGKVSTYGEIARYVGMPSYARQVGQAMKHLHPETHVPWHRVINSRGTISKRDISAGEQRQKD
RLEEEGVEIYQTSLGEYKLNLPEYMWKPGSHHHHHH
;
A
2 'polydeoxyribonucleotide' (DG)(DC)(DC)(DA)(DT)(DG)(EHG)(DC)(DT)(DA)(DG)(DT)(DA) B
3 'polydeoxyribonucleotide' (DC)(DT)(DA)(DC)(DT)(DA)(DG)(DC)(DC)(DA)(DT)(DG)(DG) C
#
loop_
_chem_comp.id
_chem_comp.type
_chem_comp.name
_chem_comp.formula
DA DNA linking 2'-DEOXYADENOSINE-5'-MONOPHOSPHATE 'C10 H14 N5 O6 P'
DC DNA linking 2'-DEOXYCYTIDINE-5'-MONOPHOSPHATE 'C9 H14 N3 O7 P'
DG DNA linking 2'-DEOXYGUANOSINE-5'-MONOPHOSPHATE 'C10 H14 N5 O7 P'
DT DNA linking THYMIDINE-5'-MONOPHOSPHATE 'C10 H15 N2 O8 P'
EHG DNA linking 9-(2-deoxy-5-O-phosphono-beta-D-erythro-pentofuranosyl)-6-(2-hydroxyethoxy)-9H-purin-2-amine 'C12 H18 N5 O8 P'
#
# COMPACT_ATOMS: atom_id res chain seq x y z
N MET A 1 1.54 16.57 16.72
CA MET A 1 2.46 16.11 15.69
C MET A 1 2.27 16.85 14.38
N ARG A 2 3.38 17.36 13.84
CA ARG A 2 3.39 18.00 12.54
C ARG A 2 3.43 16.97 11.40
N MET A 3 3.28 17.45 10.18
CA MET A 3 3.43 16.65 8.97
C MET A 3 4.87 16.16 8.87
N ASP A 4 5.33 15.80 7.68
CA ASP A 4 6.74 15.47 7.41
C ASP A 4 7.43 14.51 8.38
N GLU A 5 7.17 14.66 9.67
CA GLU A 5 7.55 13.67 10.65
C GLU A 5 6.62 12.54 10.28
N PHE A 6 5.34 12.87 10.31
CA PHE A 6 4.30 12.03 9.76
C PHE A 6 4.81 11.27 8.55
N TYR A 7 5.05 11.99 7.46
CA TYR A 7 5.55 11.37 6.24
C TYR A 7 6.61 10.27 6.54
N THR A 8 7.71 10.66 7.17
CA THR A 8 8.74 9.68 7.54
C THR A 8 8.16 8.47 8.25
N LYS A 9 7.52 8.69 9.40
CA LYS A 9 6.98 7.58 10.20
C LYS A 9 6.43 6.54 9.25
N VAL A 10 5.51 7.00 8.41
CA VAL A 10 4.92 6.15 7.39
C VAL A 10 5.95 5.36 6.60
N TYR A 11 6.81 6.09 5.90
CA TYR A 11 7.85 5.49 5.08
C TYR A 11 8.54 4.35 5.86
N ASP A 12 9.04 4.67 7.06
CA ASP A 12 9.72 3.66 7.89
C ASP A 12 8.85 2.42 8.06
N ALA A 13 7.57 2.66 8.37
CA ALA A 13 6.59 1.60 8.55
C ALA A 13 6.49 0.71 7.33
N VAL A 14 6.33 1.36 6.18
CA VAL A 14 6.12 0.65 4.93
C VAL A 14 7.38 -0.11 4.54
N CYS A 15 8.44 0.11 5.30
CA CYS A 15 9.60 -0.73 5.15
C CYS A 15 9.56 -1.83 6.18
N GLU A 16 8.85 -1.57 7.28
CA GLU A 16 8.63 -2.58 8.29
C GLU A 16 7.80 -3.74 7.75
N ILE A 17 7.30 -3.64 6.52
CA ILE A 17 6.48 -4.70 5.95
C ILE A 17 7.35 -5.90 5.59
N PRO A 18 6.81 -7.12 5.77
CA PRO A 18 7.51 -8.35 5.40
C PRO A 18 7.31 -8.70 3.94
N TYR A 19 8.40 -9.02 3.25
CA TYR A 19 8.32 -9.34 1.83
C TYR A 19 7.25 -10.38 1.61
N GLY A 20 6.23 -9.98 0.84
CA GLY A 20 5.11 -10.85 0.53
C GLY A 20 3.82 -10.32 1.12
N LYS A 21 3.85 -10.00 2.42
CA LYS A 21 2.67 -9.48 3.14
C LYS A 21 2.43 -8.03 2.78
N VAL A 22 1.29 -7.47 3.21
CA VAL A 22 0.96 -6.10 2.86
C VAL A 22 0.23 -5.41 3.99
N SER A 23 -0.12 -4.15 3.78
CA SER A 23 -1.04 -3.51 4.69
C SER A 23 -2.01 -2.57 4.00
N THR A 24 -2.51 -1.58 4.74
CA THR A 24 -3.57 -0.75 4.22
C THR A 24 -3.47 0.68 4.71
N TYR A 25 -3.64 1.60 3.77
CA TYR A 25 -3.63 3.03 4.02
C TYR A 25 -4.11 3.36 5.41
N GLY A 26 -5.35 2.96 5.70
CA GLY A 26 -5.93 3.12 7.01
C GLY A 26 -5.14 2.33 8.03
N GLU A 27 -4.88 1.07 7.74
CA GLU A 27 -4.12 0.22 8.65
C GLU A 27 -2.75 0.80 8.97
N ILE A 28 -2.44 1.96 8.42
CA ILE A 28 -1.14 2.55 8.70
C ILE A 28 -1.24 3.93 9.32
N ALA A 29 -2.17 4.73 8.83
CA ALA A 29 -2.52 5.95 9.54
C ALA A 29 -2.81 5.49 10.95
N ARG A 30 -3.65 4.47 11.04
CA ARG A 30 -3.79 3.77 12.30
C ARG A 30 -2.52 2.95 12.44
N TYR A 31 -1.72 3.37 13.41
CA TYR A 31 -0.44 2.74 13.72
C TYR A 31 0.50 3.84 14.06
N VAL A 32 0.71 4.76 13.12
CA VAL A 32 1.60 5.86 13.40
C VAL A 32 0.88 6.88 14.27
N GLY A 33 -0.25 6.45 14.82
CA GLY A 33 -0.98 7.19 15.82
C GLY A 33 -1.88 8.25 15.22
N MET A 34 -2.05 8.19 13.90
CA MET A 34 -2.81 9.19 13.19
C MET A 34 -3.89 8.50 12.39
N PRO A 35 -4.80 7.82 13.09
CA PRO A 35 -5.89 7.02 12.56
C PRO A 35 -6.49 7.68 11.33
N SER A 36 -7.04 8.88 11.49
CA SER A 36 -7.88 9.49 10.45
C SER A 36 -7.17 9.83 9.14
N TYR A 37 -5.85 9.77 9.13
CA TYR A 37 -5.09 10.30 8.00
C TYR A 37 -4.84 9.29 6.88
N ALA A 38 -5.80 8.39 6.72
CA ALA A 38 -5.67 7.33 5.74
C ALA A 38 -5.48 7.93 4.37
N ARG A 39 -6.26 8.96 4.08
CA ARG A 39 -6.26 9.55 2.75
C ARG A 39 -4.91 10.17 2.47
N GLN A 40 -4.23 10.62 3.52
CA GLN A 40 -2.95 11.29 3.29
C GLN A 40 -1.86 10.26 3.03
N VAL A 41 -2.07 9.05 3.53
CA VAL A 41 -1.16 7.94 3.31
C VAL A 41 -1.10 7.60 1.84
N GLY A 42 -2.23 7.78 1.16
CA GLY A 42 -2.27 7.47 -0.25
C GLY A 42 -1.34 8.44 -0.94
N GLN A 43 -1.56 9.72 -0.63
CA GLN A 43 -0.78 10.82 -1.17
C GLN A 43 0.71 10.59 -0.94
N ALA A 44 1.08 10.38 0.32
CA ALA A 44 2.44 10.03 0.68
C ALA A 44 3.06 9.06 -0.32
N MET A 45 2.29 8.07 -0.70
CA MET A 45 2.77 7.06 -1.62
C MET A 45 2.75 7.64 -2.99
N LYS A 46 1.69 8.38 -3.30
CA LYS A 46 1.58 9.00 -4.60
C LYS A 46 2.86 9.77 -4.91
N HIS A 47 3.37 10.48 -3.91
CA HIS A 47 4.64 11.21 -4.05
C HIS A 47 5.74 10.20 -4.41
N LEU A 48 6.78 10.03 -3.60
CA LEU A 48 7.77 8.98 -3.89
C LEU A 48 8.34 9.00 -5.30
N HIS A 49 9.65 9.10 -5.42
CA HIS A 49 10.25 9.03 -6.73
C HIS A 49 10.33 7.56 -7.11
N PRO A 50 10.32 7.28 -8.42
CA PRO A 50 10.33 5.89 -8.89
C PRO A 50 11.63 5.16 -8.51
N GLU A 51 12.63 5.94 -8.08
CA GLU A 51 14.00 5.46 -7.84
C GLU A 51 14.15 4.85 -6.46
N THR A 52 13.04 4.81 -5.72
CA THR A 52 13.08 4.41 -4.32
C THR A 52 13.32 2.92 -4.08
N HIS A 53 13.69 2.59 -2.85
CA HIS A 53 13.85 1.20 -2.43
C HIS A 53 12.81 0.96 -1.37
N VAL A 54 11.77 1.78 -1.42
CA VAL A 54 10.63 1.65 -0.53
C VAL A 54 9.53 0.83 -1.21
N PRO A 55 8.81 0.01 -0.42
CA PRO A 55 7.77 -0.95 -0.85
C PRO A 55 6.37 -0.36 -1.11
N TRP A 56 6.26 0.67 -1.93
CA TRP A 56 4.98 1.30 -2.22
C TRP A 56 3.89 0.32 -2.70
N HIS A 57 4.26 -0.55 -3.64
CA HIS A 57 3.31 -1.41 -4.32
C HIS A 57 2.50 -2.25 -3.34
N ARG A 58 3.19 -2.80 -2.35
CA ARG A 58 2.54 -3.71 -1.42
C ARG A 58 1.75 -3.00 -0.34
N VAL A 59 0.78 -2.20 -0.76
CA VAL A 59 -0.03 -1.40 0.15
C VAL A 59 -1.35 -1.16 -0.54
N ILE A 60 -2.46 -1.32 0.17
CA ILE A 60 -3.77 -1.21 -0.48
C ILE A 60 -4.88 -0.59 0.37
N ASN A 61 -6.07 -0.53 -0.24
CA ASN A 61 -7.25 -0.04 0.43
C ASN A 61 -7.87 -1.16 1.26
N SER A 62 -8.56 -0.79 2.33
CA SER A 62 -9.19 -1.75 3.21
C SER A 62 -10.03 -2.76 2.44
N ARG A 63 -10.38 -2.45 1.19
CA ARG A 63 -11.14 -3.39 0.37
C ARG A 63 -10.31 -4.59 -0.11
N GLY A 64 -9.02 -4.58 0.20
CA GLY A 64 -8.14 -5.58 -0.35
C GLY A 64 -8.14 -5.57 -1.87
N THR A 65 -7.97 -4.39 -2.47
CA THR A 65 -7.75 -4.25 -3.90
C THR A 65 -6.79 -3.09 -4.19
N ILE A 66 -6.24 -3.07 -5.40
CA ILE A 66 -5.50 -1.92 -5.87
C ILE A 66 -6.46 -0.74 -6.02
N SER A 67 -6.27 0.30 -5.21
CA SER A 67 -7.17 1.46 -5.33
C SER A 67 -7.10 1.99 -6.75
N LYS A 68 -8.15 2.67 -7.22
CA LYS A 68 -8.21 3.15 -8.61
C LYS A 68 -7.02 4.06 -8.96
N ARG A 69 -6.82 5.10 -8.13
CA ARG A 69 -5.82 6.14 -8.33
C ARG A 69 -6.02 6.92 -9.64
N ASP A 70 -7.26 6.87 -10.12
CA ASP A 70 -7.66 7.40 -11.44
C ASP A 70 -6.47 7.69 -12.37
N ILE A 71 -5.74 8.76 -12.04
CA ILE A 71 -4.61 9.18 -12.85
C ILE A 71 -3.40 8.27 -12.64
N SER A 72 -3.32 7.23 -13.48
CA SER A 72 -2.17 6.31 -13.48
C SER A 72 -2.34 5.03 -14.31
N ALA A 73 -1.27 4.25 -14.34
CA ALA A 73 -1.24 2.92 -14.92
C ALA A 73 -0.10 2.20 -14.24
N GLY A 74 0.24 2.67 -13.04
CA GLY A 74 1.22 1.99 -12.21
C GLY A 74 0.50 0.94 -11.39
N GLU A 75 -0.83 1.03 -11.40
CA GLU A 75 -1.67 0.00 -10.85
C GLU A 75 -1.14 -1.36 -11.30
N GLN A 76 -0.47 -1.33 -12.45
CA GLN A 76 0.10 -2.53 -13.03
C GLN A 76 1.47 -2.84 -12.41
N ARG A 77 2.32 -1.82 -12.34
CA ARG A 77 3.62 -2.00 -11.67
C ARG A 77 3.39 -2.61 -10.30
N GLN A 78 2.34 -2.12 -9.64
CA GLN A 78 1.94 -2.64 -8.34
C GLN A 78 1.57 -4.12 -8.49
N LYS A 79 0.77 -4.43 -9.51
CA LYS A 79 0.45 -5.83 -9.72
C LYS A 79 1.72 -6.59 -10.02
N ASP A 80 2.34 -6.28 -11.14
CA ASP A 80 3.47 -7.08 -11.61
C ASP A 80 4.59 -7.17 -10.59
N ARG A 81 4.41 -6.48 -9.46
CA ARG A 81 5.36 -6.50 -8.36
C ARG A 81 5.13 -7.73 -7.48
N LEU A 82 3.87 -8.00 -7.14
CA LEU A 82 3.61 -9.03 -6.14
C LEU A 82 3.40 -10.42 -6.73
N GLU A 83 3.00 -10.49 -8.00
CA GLU A 83 3.00 -11.79 -8.67
C GLU A 83 4.47 -12.12 -8.81
N GLU A 84 5.29 -11.08 -8.65
CA GLU A 84 6.74 -11.21 -8.55
C GLU A 84 7.09 -11.55 -7.10
N GLU A 85 6.26 -11.06 -6.17
CA GLU A 85 6.39 -11.34 -4.74
C GLU A 85 5.86 -12.73 -4.38
N GLY A 86 5.35 -13.44 -5.38
CA GLY A 86 4.76 -14.75 -5.17
C GLY A 86 3.31 -14.63 -4.74
N VAL A 87 2.93 -13.46 -4.26
CA VAL A 87 1.52 -13.19 -3.98
C VAL A 87 0.67 -13.43 -5.23
N GLU A 88 -0.34 -14.28 -5.09
CA GLU A 88 -1.17 -14.57 -6.23
C GLU A 88 -2.24 -13.50 -6.42
N ILE A 89 -2.30 -12.96 -7.64
CA ILE A 89 -3.20 -11.86 -7.96
C ILE A 89 -4.24 -12.26 -9.00
N TYR A 90 -5.51 -12.01 -8.66
CA TYR A 90 -6.60 -12.29 -9.59
C TYR A 90 -7.33 -11.04 -10.09
N GLN A 91 -7.33 -10.87 -11.41
CA GLN A 91 -8.09 -9.80 -12.05
C GLN A 91 -9.58 -10.10 -11.80
N THR A 92 -10.46 -9.15 -12.10
CA THR A 92 -11.86 -9.28 -11.69
C THR A 92 -12.90 -8.86 -12.75
N SER A 93 -14.12 -9.42 -12.62
CA SER A 93 -15.29 -8.94 -13.37
C SER A 93 -15.29 -7.40 -13.42
N LEU A 94 -15.78 -6.85 -14.54
CA LEU A 94 -15.54 -5.44 -14.86
C LEU A 94 -14.30 -4.92 -14.12
N GLY A 95 -13.13 -5.35 -14.62
CA GLY A 95 -11.85 -4.92 -14.09
C GLY A 95 -11.62 -5.25 -12.63
N GLU A 96 -10.51 -4.73 -12.10
CA GLU A 96 -10.13 -4.86 -10.69
C GLU A 96 -9.15 -6.01 -10.38
N TYR A 97 -8.05 -5.64 -9.71
CA TYR A 97 -7.06 -6.58 -9.21
C TYR A 97 -7.26 -6.77 -7.70
N LYS A 98 -7.88 -7.88 -7.32
CA LYS A 98 -8.16 -8.16 -5.92
C LYS A 98 -7.39 -9.40 -5.42
N LEU A 99 -7.44 -9.63 -4.10
CA LEU A 99 -6.78 -10.80 -3.53
C LEU A 99 -7.05 -10.98 -2.03
N ASN A 100 -7.12 -12.24 -1.61
CA ASN A 100 -7.26 -12.62 -0.20
C ASN A 100 -6.64 -11.63 0.76
N LEU A 101 -7.43 -10.68 1.26
CA LEU A 101 -6.88 -9.66 2.15
C LEU A 101 -6.18 -10.24 3.38
N PRO A 102 -6.85 -11.15 4.09
CA PRO A 102 -6.33 -11.51 5.41
C PRO A 102 -5.25 -12.61 5.39
N GLU A 103 -4.86 -13.11 4.23
CA GLU A 103 -3.70 -13.99 4.21
C GLU A 103 -2.46 -13.16 4.54
N TYR A 104 -2.56 -11.85 4.31
CA TYR A 104 -1.36 -10.99 4.29
C TYR A 104 -1.33 -9.70 5.12
N MET A 105 -2.35 -9.43 5.92
CA MET A 105 -2.24 -8.31 6.85
C MET A 105 -0.98 -8.45 7.73
N TRP A 106 -0.54 -7.36 8.37
CA TRP A 106 0.70 -7.37 9.20
C TRP A 106 0.48 -7.20 10.73
N LYS A 107 1.27 -7.89 11.55
CA LYS A 107 1.07 -7.91 13.02
C LYS A 107 2.37 -7.91 13.85
N PRO A 108 2.43 -7.07 14.94
CA PRO A 108 3.65 -6.94 15.78
C PRO A 108 4.18 -8.26 16.38
OP2 EHG B 7 -4.80 9.63 -8.33
P EHG B 7 -4.72 9.63 -6.75
OP1 EHG B 7 -3.30 9.29 -6.17
O5' EHG B 7 -5.81 8.67 -6.20
C5' EHG B 7 -5.79 8.18 -4.89
C4' EHG B 7 -5.71 6.74 -4.78
C3' EHG B 7 -5.60 6.31 -3.39
O3' EHG B 7 -6.32 5.16 -3.23
C2' EHG B 7 -4.16 6.08 -3.22
O4' EHG B 7 -4.49 6.34 -5.46
C1' EHG B 7 -3.78 5.55 -4.56
N9 EHG B 7 -2.41 5.69 -4.91
C8 EHG B 7 -1.95 6.68 -5.70
N7 EHG B 7 -0.60 6.53 -5.86
C5 EHG B 7 -0.22 5.38 -5.15
C4 EHG B 7 -1.33 4.83 -4.56
C6 EHG B 7 1.04 4.71 -4.96
N1 EHG B 7 1.11 3.60 -4.21
C2 EHG B 7 0.01 3.09 -3.64
N2 EHG B 7 0.17 1.92 -2.84
N3 EHG B 7 -1.20 3.69 -3.79
O6 EHG B 7 2.17 5.27 -5.54
C1X EHG B 7 3.39 4.60 -5.49
C2X EHG B 7 4.31 4.73 -6.70
OX EHG B 7 4.67 5.98 -7.11
#